data_5H11
#
_entry.id   5H11
#
_cell.length_a   147.693
_cell.length_b   162.652
_cell.length_c   45.572
_cell.angle_alpha   90.00
_cell.angle_beta   95.55
_cell.angle_gamma   90.00
#
_symmetry.space_group_name_H-M   'C 1 2 1'
#
loop_
_entity.id
_entity.type
_entity.pdbx_description
1 polymer 'Uncharacterized protein'
2 non-polymer 'BROMIDE ION'
3 water water
#
_entity_poly.entity_id   1
_entity_poly.type   'polypeptide(L)'
_entity_poly.pdbx_seq_one_letter_code
;GPLGSQLIQEFTAAQRRGEIGRMREVAAVLLHFKGYAHCVDVYIKQCQEGAYMRNDVFEDIAILCQRVNKQVGEVFCSPE
TVMAKLIQSIFENKIQAHVKERLDETRNSDVEQYLKNLYDLYTRTTALAAKLTDYNLGSDKHTFLSKLIKNIFSCYLESY
IDMERQYLQNRSGMILQRYYDSKNHQKRPVGTGSITNLPLGPSIDTHGETLLSQEVVVNLLQETRHAFERCNKLSDPADL
PKNAFSIFLILVEYLCVDHIDYALEIGLSAIPSADAKNANLYFLDVVQQANTIFHLFDKQFNDHLMPLISSSPKLTECLH
KKKEVIEQMEVKLDTGIDRTLNCMIGQMKYILTTEQKKTDFKPEDENNVMIQYTTACSKVCAYVGKQVERVRRSMDGKNV
DTVLTELGVRFHRLIHEHLQQFSYSSMGGMLAICDVAEYRRSAKDFRVPLVLQLFDTLHALCNLLVVAPDNLKQVCSGEQ
LTNLDRNLLHAFVQLRVDYRSARLGRHFS
;
_entity_poly.pdbx_strand_id   A
#
# COMPACT_ATOMS: atom_id res chain seq x y z
N GLY A 1 -71.51 -17.75 16.20
CA GLY A 1 -72.37 -18.81 15.71
C GLY A 1 -71.66 -19.77 14.79
N PRO A 2 -72.43 -20.64 14.11
CA PRO A 2 -71.87 -21.61 13.16
C PRO A 2 -71.36 -20.93 11.89
N LEU A 3 -70.16 -20.34 11.99
CA LEU A 3 -69.56 -19.65 10.86
C LEU A 3 -69.36 -20.59 9.68
N GLY A 4 -70.24 -20.47 8.69
CA GLY A 4 -70.06 -21.15 7.43
C GLY A 4 -69.12 -20.34 6.58
N SER A 5 -67.97 -19.99 7.16
CA SER A 5 -66.94 -19.23 6.47
C SER A 5 -66.32 -20.04 5.34
N GLN A 6 -66.68 -21.33 5.26
CA GLN A 6 -66.21 -22.18 4.18
C GLN A 6 -66.84 -21.82 2.83
N LEU A 7 -67.42 -20.61 2.77
CA LEU A 7 -67.69 -19.98 1.48
C LEU A 7 -66.37 -19.37 1.03
N ILE A 8 -65.35 -19.52 1.88
CA ILE A 8 -63.99 -19.18 1.52
C ILE A 8 -63.50 -20.20 0.50
N GLN A 9 -64.10 -21.40 0.49
CA GLN A 9 -63.74 -22.43 -0.47
C GLN A 9 -64.47 -22.17 -1.77
N GLU A 10 -65.51 -21.35 -1.70
CA GLU A 10 -66.19 -20.85 -2.88
C GLU A 10 -65.33 -19.77 -3.53
N PHE A 11 -64.53 -19.08 -2.70
CA PHE A 11 -63.62 -18.05 -3.20
C PHE A 11 -62.40 -18.70 -3.84
N THR A 12 -61.96 -19.82 -3.26
CA THR A 12 -60.84 -20.59 -3.80
C THR A 12 -61.16 -21.11 -5.20
N ALA A 13 -62.39 -21.60 -5.38
CA ALA A 13 -62.84 -22.12 -6.67
C ALA A 13 -62.85 -21.03 -7.74
N ALA A 14 -63.33 -19.84 -7.36
CA ALA A 14 -63.41 -18.71 -8.27
C ALA A 14 -62.04 -18.27 -8.76
N GLN A 15 -61.03 -18.42 -7.91
CA GLN A 15 -59.66 -18.01 -8.26
C GLN A 15 -58.95 -19.08 -9.09
N ARG A 16 -59.26 -20.34 -8.84
CA ARG A 16 -58.62 -21.47 -9.53
C ARG A 16 -58.60 -21.27 -11.04
N ARG A 17 -59.79 -21.22 -11.64
CA ARG A 17 -59.90 -20.94 -13.06
C ARG A 17 -60.99 -19.91 -13.31
N GLY A 18 -60.74 -19.05 -14.29
CA GLY A 18 -61.69 -18.01 -14.65
C GLY A 18 -61.40 -16.71 -13.93
N GLU A 19 -61.41 -15.62 -14.69
CA GLU A 19 -61.28 -14.28 -14.12
C GLU A 19 -62.68 -13.71 -13.91
N ILE A 20 -62.95 -13.26 -12.69
CA ILE A 20 -64.31 -12.87 -12.33
C ILE A 20 -64.37 -11.82 -11.24
N GLY A 21 -65.54 -11.21 -11.12
CA GLY A 21 -65.86 -10.36 -9.98
C GLY A 21 -66.52 -11.24 -8.93
N ARG A 22 -66.53 -12.55 -9.19
CA ARG A 22 -67.02 -13.52 -8.24
C ARG A 22 -66.08 -13.58 -7.05
N MET A 23 -64.80 -13.32 -7.30
CA MET A 23 -63.82 -13.21 -6.24
C MET A 23 -64.11 -11.96 -5.41
N ARG A 24 -64.54 -10.91 -6.09
CA ARG A 24 -64.86 -9.64 -5.45
C ARG A 24 -66.12 -9.73 -4.58
N GLU A 25 -67.12 -10.45 -5.07
CA GLU A 25 -68.39 -10.57 -4.36
C GLU A 25 -68.25 -11.36 -3.08
N VAL A 26 -67.54 -12.49 -3.15
CA VAL A 26 -67.29 -13.31 -1.97
C VAL A 26 -66.40 -12.57 -0.97
N ALA A 27 -65.47 -11.77 -1.48
CA ALA A 27 -64.60 -10.98 -0.63
C ALA A 27 -65.35 -9.85 0.06
N ALA A 28 -66.25 -9.20 -0.68
CA ALA A 28 -67.06 -8.11 -0.13
C ALA A 28 -67.95 -8.61 0.99
N VAL A 29 -68.44 -9.84 0.85
CA VAL A 29 -69.24 -10.47 1.89
C VAL A 29 -68.38 -10.83 3.09
N LEU A 30 -67.16 -11.27 2.82
CA LEU A 30 -66.28 -11.78 3.86
C LEU A 30 -65.69 -10.70 4.75
N LEU A 31 -65.71 -9.45 4.32
CA LEU A 31 -65.16 -8.37 5.14
C LEU A 31 -66.12 -8.04 6.27
N HIS A 32 -67.34 -8.54 6.19
CA HIS A 32 -68.33 -8.36 7.24
C HIS A 32 -68.05 -9.24 8.46
N PHE A 33 -67.21 -10.25 8.28
CA PHE A 33 -66.89 -11.15 9.38
C PHE A 33 -65.39 -11.31 9.59
N LYS A 34 -65.02 -11.86 10.73
CA LYS A 34 -63.66 -12.32 10.95
C LYS A 34 -63.42 -13.52 10.05
N GLY A 35 -62.45 -13.40 9.15
CA GLY A 35 -62.21 -14.43 8.17
C GLY A 35 -61.84 -13.79 6.85
N TYR A 36 -61.96 -12.47 6.80
CA TYR A 36 -61.51 -11.70 5.65
C TYR A 36 -59.99 -11.75 5.61
N ALA A 37 -59.39 -11.91 6.79
CA ALA A 37 -57.94 -12.03 6.91
C ALA A 37 -57.47 -13.36 6.33
N HIS A 38 -58.30 -14.38 6.43
CA HIS A 38 -57.98 -15.69 5.90
C HIS A 38 -58.23 -15.76 4.39
N CYS A 39 -59.23 -15.03 3.92
CA CYS A 39 -59.56 -15.03 2.49
C CYS A 39 -58.43 -14.47 1.65
N VAL A 40 -57.92 -13.30 2.04
CA VAL A 40 -56.82 -12.68 1.34
C VAL A 40 -55.56 -13.54 1.49
N ASP A 41 -55.47 -14.25 2.61
CA ASP A 41 -54.35 -15.13 2.89
C ASP A 41 -54.21 -16.25 1.85
N VAL A 42 -55.30 -16.96 1.60
CA VAL A 42 -55.27 -18.06 0.64
C VAL A 42 -55.19 -17.54 -0.79
N TYR A 43 -55.54 -16.28 -0.97
CA TYR A 43 -55.42 -15.64 -2.28
C TYR A 43 -53.95 -15.50 -2.62
N ILE A 44 -53.14 -15.20 -1.61
CA ILE A 44 -51.71 -15.03 -1.77
C ILE A 44 -51.04 -16.36 -2.06
N LYS A 45 -51.43 -17.40 -1.33
CA LYS A 45 -50.85 -18.72 -1.51
C LYS A 45 -51.08 -19.24 -2.93
N GLN A 46 -52.28 -19.02 -3.45
CA GLN A 46 -52.67 -19.56 -4.75
C GLN A 46 -51.92 -18.89 -5.91
N CYS A 47 -51.77 -17.58 -5.84
CA CYS A 47 -51.13 -16.84 -6.93
C CYS A 47 -49.62 -17.02 -6.92
N GLN A 48 -49.11 -17.65 -5.86
CA GLN A 48 -47.67 -17.89 -5.73
C GLN A 48 -47.27 -19.27 -6.22
N GLU A 49 -48.22 -20.19 -6.29
CA GLU A 49 -47.93 -21.59 -6.62
C GLU A 49 -47.36 -21.76 -8.02
N GLY A 50 -47.96 -21.09 -9.00
CA GLY A 50 -47.54 -21.24 -10.39
C GLY A 50 -46.49 -20.23 -10.82
N ALA A 51 -46.10 -19.34 -9.91
CA ALA A 51 -45.20 -18.24 -10.26
C ALA A 51 -43.75 -18.67 -10.38
N TYR A 52 -43.19 -19.20 -9.29
CA TYR A 52 -41.77 -19.49 -9.19
C TYR A 52 -41.31 -20.62 -10.10
N MET A 53 -41.03 -20.28 -11.36
CA MET A 53 -40.50 -21.23 -12.33
C MET A 53 -39.49 -20.55 -13.25
N ARG A 54 -38.49 -19.92 -12.65
CA ARG A 54 -37.46 -19.19 -13.39
C ARG A 54 -36.11 -19.35 -12.71
N ASN A 55 -35.03 -19.17 -13.47
CA ASN A 55 -33.69 -19.26 -12.92
C ASN A 55 -33.41 -18.16 -11.91
N ASP A 56 -33.95 -16.96 -12.17
CA ASP A 56 -33.78 -15.84 -11.27
C ASP A 56 -35.02 -15.63 -10.41
N VAL A 57 -34.86 -15.71 -9.10
CA VAL A 57 -35.98 -15.56 -8.18
C VAL A 57 -36.34 -14.11 -7.93
N PHE A 58 -35.37 -13.21 -8.08
CA PHE A 58 -35.61 -11.79 -7.82
C PHE A 58 -36.29 -11.11 -9.00
N GLU A 59 -36.22 -11.73 -10.18
CA GLU A 59 -36.98 -11.25 -11.32
C GLU A 59 -38.36 -11.91 -11.30
N ASP A 60 -38.39 -13.14 -10.82
CA ASP A 60 -39.63 -13.90 -10.74
C ASP A 60 -40.63 -13.26 -9.80
N ILE A 61 -40.15 -12.73 -8.68
CA ILE A 61 -41.01 -12.06 -7.71
C ILE A 61 -41.30 -10.62 -8.15
N ALA A 62 -40.49 -10.11 -9.07
CA ALA A 62 -40.70 -8.78 -9.61
C ALA A 62 -41.82 -8.79 -10.64
N ILE A 63 -41.90 -9.87 -11.40
CA ILE A 63 -42.97 -10.05 -12.38
C ILE A 63 -44.25 -10.48 -11.66
N LEU A 64 -44.09 -11.23 -10.58
CA LEU A 64 -45.22 -11.70 -9.78
C LEU A 64 -45.99 -10.53 -9.16
N CYS A 65 -45.25 -9.58 -8.59
CA CYS A 65 -45.86 -8.46 -7.90
C CYS A 65 -46.56 -7.48 -8.86
N GLN A 66 -46.12 -7.44 -10.11
CA GLN A 66 -46.71 -6.52 -11.07
C GLN A 66 -48.06 -7.04 -11.58
N ARG A 67 -48.14 -8.35 -11.81
CA ARG A 67 -49.39 -8.94 -12.32
C ARG A 67 -50.43 -9.08 -11.23
N VAL A 68 -49.97 -9.15 -9.98
CA VAL A 68 -50.87 -9.26 -8.84
C VAL A 68 -51.42 -7.87 -8.49
N ASN A 69 -50.60 -6.84 -8.69
CA ASN A 69 -51.00 -5.47 -8.41
C ASN A 69 -52.18 -5.01 -9.25
N LYS A 70 -52.19 -5.37 -10.53
CA LYS A 70 -53.27 -4.98 -11.42
C LYS A 70 -54.54 -5.79 -11.17
N GLN A 71 -54.38 -6.95 -10.53
CA GLN A 71 -55.51 -7.82 -10.25
C GLN A 71 -56.13 -7.52 -8.88
N VAL A 72 -55.28 -7.16 -7.92
CA VAL A 72 -55.74 -6.96 -6.55
C VAL A 72 -56.65 -5.72 -6.44
N GLY A 73 -56.47 -4.77 -7.35
CA GLY A 73 -57.31 -3.59 -7.38
C GLY A 73 -58.72 -3.92 -7.83
N GLU A 74 -58.85 -5.06 -8.50
CA GLU A 74 -60.14 -5.51 -9.02
C GLU A 74 -60.92 -6.34 -8.00
N VAL A 75 -60.19 -6.98 -7.08
CA VAL A 75 -60.78 -7.94 -6.17
C VAL A 75 -61.02 -7.38 -4.77
N PHE A 76 -60.05 -6.65 -4.24
CA PHE A 76 -60.14 -6.16 -2.87
C PHE A 76 -60.35 -4.65 -2.78
N CYS A 77 -60.91 -4.21 -1.66
CA CYS A 77 -61.26 -2.81 -1.46
C CYS A 77 -60.06 -1.99 -1.02
N SER A 78 -59.19 -2.59 -0.23
CA SER A 78 -57.96 -1.94 0.21
C SER A 78 -56.73 -2.69 -0.28
N PRO A 79 -56.32 -2.42 -1.53
CA PRO A 79 -55.21 -3.12 -2.18
C PRO A 79 -53.88 -2.95 -1.45
N GLU A 80 -53.73 -1.87 -0.70
CA GLU A 80 -52.46 -1.58 -0.04
C GLU A 80 -52.16 -2.54 1.11
N THR A 81 -53.20 -2.98 1.81
CA THR A 81 -53.02 -3.92 2.91
C THR A 81 -52.81 -5.34 2.39
N VAL A 82 -53.48 -5.66 1.28
CA VAL A 82 -53.30 -6.95 0.62
C VAL A 82 -51.89 -7.06 0.03
N MET A 83 -51.41 -5.96 -0.54
CA MET A 83 -50.11 -5.93 -1.18
C MET A 83 -48.98 -6.11 -0.17
N ALA A 84 -49.14 -5.50 1.01
CA ALA A 84 -48.15 -5.63 2.08
C ALA A 84 -48.12 -7.06 2.60
N LYS A 85 -49.28 -7.71 2.59
CA LYS A 85 -49.37 -9.11 2.98
C LYS A 85 -48.66 -10.00 1.98
N LEU A 86 -48.70 -9.61 0.71
CA LEU A 86 -48.09 -10.37 -0.37
C LEU A 86 -46.58 -10.41 -0.22
N ILE A 87 -45.96 -9.23 -0.20
CA ILE A 87 -44.51 -9.15 -0.18
C ILE A 87 -43.94 -9.63 1.15
N GLN A 88 -44.75 -9.60 2.21
CA GLN A 88 -44.32 -10.15 3.48
C GLN A 88 -44.27 -11.67 3.38
N SER A 89 -45.24 -12.24 2.69
CA SER A 89 -45.29 -13.69 2.47
C SER A 89 -44.15 -14.13 1.56
N ILE A 90 -43.80 -13.29 0.60
CA ILE A 90 -42.70 -13.57 -0.31
C ILE A 90 -41.37 -13.59 0.43
N PHE A 91 -41.20 -12.63 1.35
CA PHE A 91 -39.96 -12.51 2.10
C PHE A 91 -39.81 -13.57 3.19
N GLU A 92 -40.82 -13.68 4.04
CA GLU A 92 -40.76 -14.60 5.18
C GLU A 92 -40.70 -16.06 4.77
N ASN A 93 -41.11 -16.34 3.54
CA ASN A 93 -41.11 -17.71 3.03
C ASN A 93 -40.13 -17.94 1.89
N LYS A 94 -40.45 -17.41 0.71
CA LYS A 94 -39.68 -17.68 -0.51
C LYS A 94 -38.24 -17.16 -0.44
N ILE A 95 -38.08 -15.89 -0.10
CA ILE A 95 -36.76 -15.27 -0.05
C ILE A 95 -35.88 -15.88 1.04
N GLN A 96 -36.43 -16.06 2.23
CA GLN A 96 -35.67 -16.61 3.35
C GLN A 96 -35.24 -18.04 3.07
N ALA A 97 -36.08 -18.79 2.34
CA ALA A 97 -35.77 -20.16 1.99
C ALA A 97 -34.67 -20.22 0.94
N HIS A 98 -34.66 -19.23 0.05
CA HIS A 98 -33.67 -19.17 -1.02
C HIS A 98 -32.32 -18.69 -0.49
N VAL A 99 -32.35 -17.92 0.59
CA VAL A 99 -31.13 -17.43 1.21
C VAL A 99 -30.51 -18.51 2.09
N LYS A 100 -31.35 -19.22 2.85
CA LYS A 100 -30.88 -20.31 3.69
C LYS A 100 -30.36 -21.47 2.83
N GLU A 101 -30.93 -21.61 1.64
CA GLU A 101 -30.53 -22.67 0.72
C GLU A 101 -29.13 -22.43 0.17
N ARG A 102 -28.87 -21.18 -0.22
CA ARG A 102 -27.59 -20.81 -0.82
C ARG A 102 -26.44 -20.78 0.19
N LEU A 103 -26.75 -20.50 1.45
CA LEU A 103 -25.71 -20.27 2.45
C LEU A 103 -25.33 -21.54 3.21
N ASP A 104 -26.31 -22.38 3.55
CA ASP A 104 -26.04 -23.60 4.30
C ASP A 104 -25.03 -24.52 3.61
N GLU A 105 -25.20 -24.68 2.30
CA GLU A 105 -24.36 -25.56 1.51
C GLU A 105 -22.91 -25.06 1.47
N THR A 106 -22.74 -23.76 1.23
CA THR A 106 -21.42 -23.18 1.00
C THR A 106 -20.76 -22.76 2.31
N ARG A 107 -21.50 -22.78 3.41
CA ARG A 107 -20.96 -22.35 4.70
C ARG A 107 -19.88 -23.29 5.21
N ASN A 108 -20.11 -24.60 5.06
CA ASN A 108 -19.16 -25.62 5.51
C ASN A 108 -18.46 -26.32 4.34
N SER A 109 -18.25 -25.58 3.25
CA SER A 109 -17.57 -26.15 2.09
C SER A 109 -16.73 -25.10 1.36
N ASP A 110 -17.12 -23.82 1.49
CA ASP A 110 -16.42 -22.74 0.80
C ASP A 110 -16.72 -21.38 1.43
N VAL A 111 -15.98 -21.06 2.49
CA VAL A 111 -16.22 -19.84 3.27
C VAL A 111 -16.12 -18.56 2.44
N GLU A 112 -15.22 -18.54 1.46
CA GLU A 112 -15.13 -17.37 0.57
C GLU A 112 -16.37 -17.25 -0.30
N GLN A 113 -16.84 -18.38 -0.84
CA GLN A 113 -18.04 -18.38 -1.68
C GLN A 113 -19.28 -18.04 -0.85
N TYR A 114 -19.24 -18.37 0.44
CA TYR A 114 -20.32 -18.01 1.35
C TYR A 114 -20.42 -16.50 1.47
N LEU A 115 -19.28 -15.85 1.67
CA LEU A 115 -19.23 -14.40 1.80
C LEU A 115 -19.66 -13.71 0.50
N LYS A 116 -19.24 -14.26 -0.62
CA LYS A 116 -19.59 -13.70 -1.93
C LYS A 116 -21.07 -13.89 -2.24
N ASN A 117 -21.66 -14.95 -1.69
CA ASN A 117 -23.09 -15.21 -1.88
C ASN A 117 -23.93 -14.35 -0.94
N LEU A 118 -23.49 -14.22 0.31
CA LEU A 118 -24.19 -13.40 1.28
C LEU A 118 -24.21 -11.94 0.84
N TYR A 119 -23.11 -11.51 0.24
CA TYR A 119 -23.01 -10.16 -0.31
C TYR A 119 -23.95 -9.99 -1.49
N ASP A 120 -23.96 -10.99 -2.38
CA ASP A 120 -24.79 -10.96 -3.58
C ASP A 120 -26.27 -11.02 -3.24
N LEU A 121 -26.63 -11.91 -2.32
CA LEU A 121 -28.01 -12.08 -1.91
C LEU A 121 -28.56 -10.84 -1.20
N TYR A 122 -27.71 -10.15 -0.45
CA TYR A 122 -28.12 -8.96 0.29
C TYR A 122 -28.27 -7.77 -0.65
N THR A 123 -27.39 -7.71 -1.65
CA THR A 123 -27.42 -6.63 -2.63
C THR A 123 -28.67 -6.72 -3.52
N ARG A 124 -28.97 -7.93 -3.98
CA ARG A 124 -30.14 -8.14 -4.83
C ARG A 124 -31.45 -7.92 -4.08
N THR A 125 -31.44 -8.22 -2.78
CA THR A 125 -32.63 -8.05 -1.95
C THR A 125 -32.95 -6.57 -1.74
N THR A 126 -31.92 -5.78 -1.47
CA THR A 126 -32.09 -4.35 -1.28
C THR A 126 -32.49 -3.67 -2.60
N ALA A 127 -31.88 -4.11 -3.69
CA ALA A 127 -32.22 -3.60 -5.02
C ALA A 127 -33.65 -3.96 -5.38
N LEU A 128 -34.12 -5.09 -4.86
CA LEU A 128 -35.48 -5.55 -5.08
C LEU A 128 -36.45 -4.75 -4.22
N ALA A 129 -36.06 -4.47 -2.98
CA ALA A 129 -36.88 -3.70 -2.06
C ALA A 129 -37.07 -2.27 -2.55
N ALA A 130 -36.13 -1.81 -3.37
CA ALA A 130 -36.23 -0.48 -3.97
C ALA A 130 -37.20 -0.50 -5.15
N LYS A 131 -37.38 -1.69 -5.74
CA LYS A 131 -38.34 -1.85 -6.81
C LYS A 131 -39.76 -1.97 -6.26
N LEU A 132 -39.88 -2.63 -5.11
CA LEU A 132 -41.17 -2.84 -4.48
C LEU A 132 -41.72 -1.58 -3.84
N THR A 133 -40.84 -0.67 -3.45
CA THR A 133 -41.26 0.56 -2.79
C THR A 133 -41.91 1.52 -3.79
N ASP A 134 -41.77 1.21 -5.07
CA ASP A 134 -42.37 2.02 -6.14
C ASP A 134 -43.88 1.83 -6.21
N TYR A 135 -44.37 0.75 -5.61
CA TYR A 135 -45.80 0.50 -5.59
C TYR A 135 -46.46 1.30 -4.48
N ASN A 136 -47.74 1.60 -4.67
CA ASN A 136 -48.48 2.45 -3.74
C ASN A 136 -48.89 1.73 -2.46
N LEU A 137 -47.91 1.14 -1.77
CA LEU A 137 -48.17 0.53 -0.47
C LEU A 137 -48.37 1.61 0.59
N GLY A 138 -48.76 1.20 1.79
CA GLY A 138 -48.95 2.13 2.88
C GLY A 138 -47.65 2.84 3.23
N SER A 139 -47.66 4.17 3.15
CA SER A 139 -46.48 4.98 3.46
C SER A 139 -45.94 4.64 4.85
N ASP A 140 -44.66 4.92 5.06
CA ASP A 140 -43.83 4.36 6.13
C ASP A 140 -43.43 2.93 5.69
N LYS A 141 -43.77 2.63 4.45
CA LYS A 141 -43.41 1.40 3.76
C LYS A 141 -41.90 1.10 3.84
N HIS A 142 -41.09 2.16 3.85
CA HIS A 142 -39.64 2.02 3.88
C HIS A 142 -39.18 1.28 5.14
N THR A 143 -39.83 1.57 6.26
CA THR A 143 -39.56 0.89 7.51
C THR A 143 -40.05 -0.55 7.44
N PHE A 144 -41.14 -0.76 6.71
CA PHE A 144 -41.75 -2.08 6.56
C PHE A 144 -40.82 -3.05 5.83
N LEU A 145 -40.21 -2.60 4.74
CA LEU A 145 -39.26 -3.42 4.00
C LEU A 145 -38.02 -3.69 4.84
N SER A 146 -37.55 -2.65 5.53
CA SER A 146 -36.34 -2.73 6.35
C SER A 146 -36.45 -3.83 7.42
N LYS A 147 -37.64 -4.00 7.97
CA LYS A 147 -37.88 -5.04 8.96
C LYS A 147 -37.90 -6.43 8.32
N LEU A 148 -38.40 -6.50 7.09
CA LEU A 148 -38.48 -7.76 6.36
C LEU A 148 -37.08 -8.27 5.98
N ILE A 149 -36.23 -7.36 5.53
CA ILE A 149 -34.86 -7.72 5.16
C ILE A 149 -34.06 -8.07 6.42
N LYS A 150 -34.31 -7.35 7.50
CA LYS A 150 -33.61 -7.58 8.75
C LYS A 150 -33.97 -8.91 9.37
N ASN A 151 -35.24 -9.30 9.27
CA ASN A 151 -35.72 -10.54 9.87
C ASN A 151 -35.20 -11.79 9.16
N ILE A 152 -34.58 -11.61 8.01
CA ILE A 152 -34.04 -12.75 7.26
C ILE A 152 -32.53 -12.63 7.04
N PHE A 153 -31.91 -11.66 7.72
CA PHE A 153 -30.47 -11.45 7.59
C PHE A 153 -29.80 -11.07 8.90
N SER A 154 -30.61 -10.86 9.95
CA SER A 154 -30.08 -10.35 11.23
C SER A 154 -28.97 -11.21 11.80
N CYS A 155 -29.13 -12.52 11.71
CA CYS A 155 -28.18 -13.45 12.32
C CYS A 155 -27.01 -13.77 11.38
N TYR A 156 -27.22 -13.56 10.08
CA TYR A 156 -26.15 -13.71 9.11
C TYR A 156 -25.20 -12.51 9.17
N LEU A 157 -25.78 -11.33 9.32
CA LEU A 157 -25.01 -10.09 9.38
C LEU A 157 -24.45 -9.85 10.78
N GLU A 158 -24.86 -10.68 11.73
CA GLU A 158 -24.37 -10.55 13.10
C GLU A 158 -23.00 -11.21 13.24
N SER A 159 -22.92 -12.46 12.80
CA SER A 159 -21.67 -13.21 12.86
C SER A 159 -20.82 -12.99 11.61
N TYR A 160 -21.13 -11.93 10.86
CA TYR A 160 -20.44 -11.65 9.62
C TYR A 160 -18.96 -11.32 9.80
N ILE A 161 -18.70 -10.29 10.60
CA ILE A 161 -17.36 -9.72 10.69
C ILE A 161 -16.35 -10.71 11.29
N ASP A 162 -16.86 -11.66 12.07
CA ASP A 162 -16.00 -12.68 12.66
C ASP A 162 -15.59 -13.72 11.62
N MET A 163 -16.53 -14.09 10.76
CA MET A 163 -16.23 -15.03 9.68
C MET A 163 -15.36 -14.39 8.62
N GLU A 164 -15.52 -13.07 8.45
CA GLU A 164 -14.73 -12.34 7.47
C GLU A 164 -13.27 -12.25 7.90
N ARG A 165 -13.05 -12.09 9.19
CA ARG A 165 -11.69 -11.98 9.72
C ARG A 165 -11.03 -13.34 9.86
N GLN A 166 -11.79 -14.33 10.29
CA GLN A 166 -11.28 -15.70 10.37
C GLN A 166 -10.86 -16.19 9.00
N TYR A 167 -11.60 -15.80 7.97
CA TYR A 167 -11.28 -16.16 6.60
C TYR A 167 -10.02 -15.46 6.12
N LEU A 168 -9.92 -14.16 6.39
CA LEU A 168 -8.82 -13.35 5.90
C LEU A 168 -7.50 -13.70 6.57
N GLN A 169 -7.57 -14.08 7.85
CA GLN A 169 -6.39 -14.51 8.58
C GLN A 169 -5.86 -15.83 8.04
N ASN A 170 -6.78 -16.75 7.75
CA ASN A 170 -6.43 -18.07 7.24
C ASN A 170 -5.93 -18.02 5.79
N ARG A 171 -6.61 -17.24 4.96
CA ARG A 171 -6.25 -17.11 3.56
C ARG A 171 -4.91 -16.40 3.41
N SER A 172 -4.66 -15.41 4.25
CA SER A 172 -3.39 -14.68 4.22
C SER A 172 -2.25 -15.57 4.69
N GLY A 173 -2.54 -16.41 5.68
CA GLY A 173 -1.56 -17.33 6.21
C GLY A 173 -1.13 -18.36 5.19
N MET A 174 -2.09 -18.87 4.43
CA MET A 174 -1.81 -19.85 3.38
C MET A 174 -0.97 -19.26 2.25
N ILE A 175 -1.22 -17.99 1.94
CA ILE A 175 -0.50 -17.30 0.88
C ILE A 175 0.97 -17.10 1.26
N LEU A 176 1.21 -16.78 2.53
CA LEU A 176 2.57 -16.56 3.02
C LEU A 176 3.35 -17.87 3.11
N GLN A 177 2.69 -18.93 3.59
CA GLN A 177 3.33 -20.24 3.68
C GLN A 177 3.67 -20.78 2.31
N ARG A 178 2.76 -20.62 1.36
CA ARG A 178 2.96 -21.12 0.00
C ARG A 178 4.15 -20.44 -0.68
N TYR A 179 4.43 -19.20 -0.27
CA TYR A 179 5.55 -18.46 -0.82
C TYR A 179 6.87 -18.86 -0.18
N TYR A 180 6.86 -19.01 1.15
CA TYR A 180 8.06 -19.38 1.88
C TYR A 180 8.44 -20.84 1.67
N ASP A 181 7.52 -21.62 1.11
CA ASP A 181 7.79 -23.01 0.77
C ASP A 181 8.40 -23.13 -0.62
N SER A 182 8.01 -22.23 -1.51
CA SER A 182 8.53 -22.22 -2.87
C SER A 182 9.95 -21.64 -2.90
N LYS A 183 10.38 -21.10 -1.76
CA LYS A 183 11.72 -20.53 -1.64
C LYS A 183 12.59 -21.39 -0.73
N ASN A 184 12.03 -22.48 -0.22
CA ASN A 184 12.70 -23.35 0.75
C ASN A 184 13.27 -22.57 1.93
N HIS A 185 12.44 -21.69 2.50
CA HIS A 185 12.88 -20.83 3.59
C HIS A 185 12.03 -21.06 4.85
N GLN A 186 12.63 -21.71 5.85
CA GLN A 186 11.98 -21.82 7.15
C GLN A 186 12.14 -20.51 7.89
N LYS A 187 11.12 -20.11 8.64
CA LYS A 187 11.09 -18.83 9.33
C LYS A 187 12.27 -18.67 10.29
N ARG A 188 12.55 -17.42 10.65
CA ARG A 188 13.69 -17.07 11.51
C ARG A 188 15.01 -17.47 10.86
N ILE A 204 25.60 -18.00 5.28
CA ILE A 204 25.82 -17.13 4.14
C ILE A 204 24.85 -17.44 3.00
N ASP A 205 24.04 -16.47 2.62
CA ASP A 205 23.21 -16.59 1.43
C ASP A 205 23.84 -15.77 0.31
N THR A 206 24.39 -16.47 -0.70
CA THR A 206 25.07 -15.82 -1.79
C THR A 206 24.09 -15.06 -2.68
N HIS A 207 22.89 -15.61 -2.83
CA HIS A 207 21.85 -14.99 -3.64
C HIS A 207 21.31 -13.71 -2.99
N GLY A 208 20.98 -12.73 -3.82
CA GLY A 208 20.39 -11.49 -3.33
C GLY A 208 18.89 -11.61 -3.25
N GLU A 209 18.43 -12.65 -2.57
CA GLU A 209 16.99 -12.93 -2.46
C GLU A 209 16.30 -11.92 -1.55
N THR A 210 15.53 -11.02 -2.14
CA THR A 210 14.86 -9.96 -1.39
C THR A 210 13.79 -10.51 -0.46
N LEU A 211 13.28 -11.69 -0.78
CA LEU A 211 12.14 -12.29 -0.06
C LEU A 211 10.93 -11.36 -0.08
N LEU A 212 10.84 -10.54 -1.12
CA LEU A 212 9.72 -9.65 -1.30
C LEU A 212 9.02 -9.97 -2.62
N SER A 213 7.85 -10.58 -2.52
CA SER A 213 7.09 -10.94 -3.71
C SER A 213 6.08 -9.84 -4.05
N GLN A 214 6.13 -9.38 -5.29
CA GLN A 214 5.17 -8.40 -5.77
C GLN A 214 3.87 -9.10 -6.11
N GLU A 215 3.90 -10.43 -6.08
CA GLU A 215 2.70 -11.24 -6.31
C GLU A 215 1.94 -11.48 -5.01
N VAL A 216 2.68 -11.76 -3.94
CA VAL A 216 2.07 -12.02 -2.64
C VAL A 216 1.35 -10.77 -2.13
N VAL A 217 1.97 -9.61 -2.30
CA VAL A 217 1.36 -8.36 -1.85
C VAL A 217 0.13 -8.03 -2.70
N VAL A 218 0.21 -8.24 -4.00
CA VAL A 218 -0.89 -7.88 -4.89
C VAL A 218 -2.04 -8.88 -4.73
N ASN A 219 -1.72 -10.07 -4.22
CA ASN A 219 -2.72 -11.09 -3.95
C ASN A 219 -3.34 -10.90 -2.57
N LEU A 220 -2.56 -10.32 -1.67
CA LEU A 220 -3.04 -9.99 -0.34
C LEU A 220 -3.96 -8.77 -0.41
N LEU A 221 -3.62 -7.84 -1.29
CA LEU A 221 -4.42 -6.64 -1.49
C LEU A 221 -5.71 -6.95 -2.26
N GLN A 222 -5.61 -7.91 -3.18
CA GLN A 222 -6.77 -8.41 -3.91
C GLN A 222 -7.81 -8.95 -2.93
N GLU A 223 -7.34 -9.75 -1.97
CA GLU A 223 -8.20 -10.36 -0.99
C GLU A 223 -8.82 -9.33 -0.05
N THR A 224 -8.01 -8.37 0.38
CA THR A 224 -8.45 -7.37 1.34
C THR A 224 -9.40 -6.36 0.71
N ARG A 225 -9.14 -6.01 -0.55
CA ARG A 225 -10.01 -5.09 -1.28
C ARG A 225 -11.44 -5.61 -1.36
N HIS A 226 -11.57 -6.91 -1.66
CA HIS A 226 -12.88 -7.54 -1.76
C HIS A 226 -13.58 -7.61 -0.40
N ALA A 227 -12.79 -7.79 0.65
CA ALA A 227 -13.34 -7.84 2.00
C ALA A 227 -13.91 -6.49 2.40
N PHE A 228 -13.27 -5.42 1.94
CA PHE A 228 -13.76 -4.06 2.21
C PHE A 228 -15.10 -3.82 1.53
N GLU A 229 -15.23 -4.30 0.30
CA GLU A 229 -16.45 -4.11 -0.48
C GLU A 229 -17.64 -4.82 0.17
N ARG A 230 -17.41 -6.04 0.68
CA ARG A 230 -18.45 -6.75 1.42
C ARG A 230 -18.74 -6.04 2.73
N CYS A 231 -17.69 -5.51 3.34
CA CYS A 231 -17.82 -4.82 4.62
C CYS A 231 -18.62 -3.54 4.47
N ASN A 232 -18.56 -2.95 3.28
CA ASN A 232 -19.26 -1.70 3.01
C ASN A 232 -20.78 -1.83 3.08
N LYS A 233 -21.28 -2.98 2.63
CA LYS A 233 -22.73 -3.18 2.52
C LYS A 233 -23.30 -4.14 3.56
N LEU A 234 -22.45 -5.02 4.09
CA LEU A 234 -22.93 -6.05 5.01
C LEU A 234 -22.70 -5.69 6.47
N SER A 235 -22.05 -4.56 6.70
CA SER A 235 -21.78 -4.12 8.07
C SER A 235 -22.69 -2.95 8.43
N ASP A 236 -23.23 -3.00 9.65
CA ASP A 236 -24.05 -1.92 10.18
C ASP A 236 -23.29 -0.59 10.09
N PRO A 237 -23.90 0.42 9.44
CA PRO A 237 -23.27 1.73 9.20
C PRO A 237 -22.75 2.40 10.47
N ALA A 238 -23.30 2.03 11.62
CA ALA A 238 -22.83 2.56 12.90
C ALA A 238 -21.52 1.88 13.32
N ASP A 239 -21.25 0.70 12.76
CA ASP A 239 -20.05 -0.04 13.09
C ASP A 239 -19.16 -0.27 11.86
N LEU A 240 -19.53 0.37 10.75
CA LEU A 240 -18.74 0.30 9.53
C LEU A 240 -17.28 0.77 9.71
N PRO A 241 -17.06 1.87 10.45
CA PRO A 241 -15.65 2.27 10.64
C PRO A 241 -14.81 1.26 11.43
N LYS A 242 -15.34 0.77 12.54
CA LYS A 242 -14.57 -0.13 13.39
C LYS A 242 -14.37 -1.50 12.74
N ASN A 243 -15.30 -1.89 11.87
CA ASN A 243 -15.19 -3.15 11.16
C ASN A 243 -14.17 -3.09 10.03
N ALA A 244 -14.20 -1.99 9.28
CA ALA A 244 -13.28 -1.81 8.17
C ALA A 244 -11.84 -1.66 8.66
N PHE A 245 -11.68 -1.24 9.90
CA PHE A 245 -10.36 -1.08 10.48
C PHE A 245 -9.85 -2.38 11.06
N SER A 246 -10.76 -3.24 11.50
CA SER A 246 -10.40 -4.58 11.96
C SER A 246 -9.81 -5.39 10.81
N ILE A 247 -10.38 -5.21 9.62
CA ILE A 247 -9.90 -5.88 8.43
C ILE A 247 -8.53 -5.33 8.04
N PHE A 248 -8.34 -4.02 8.23
CA PHE A 248 -7.07 -3.37 7.91
C PHE A 248 -5.94 -3.88 8.80
N LEU A 249 -6.24 -4.08 10.08
CA LEU A 249 -5.25 -4.57 11.04
C LEU A 249 -4.78 -5.99 10.71
N ILE A 250 -5.63 -6.74 10.01
CA ILE A 250 -5.25 -8.07 9.56
C ILE A 250 -4.23 -7.95 8.43
N LEU A 251 -4.43 -6.95 7.57
CA LEU A 251 -3.52 -6.70 6.47
C LEU A 251 -2.14 -6.27 6.97
N VAL A 252 -2.11 -5.40 7.97
CA VAL A 252 -0.84 -4.91 8.50
C VAL A 252 -0.16 -5.94 9.39
N GLU A 253 -0.86 -7.03 9.66
CA GLU A 253 -0.27 -8.11 10.46
C GLU A 253 0.38 -9.16 9.57
N TYR A 254 -0.16 -9.32 8.36
CA TYR A 254 0.37 -10.33 7.44
C TYR A 254 1.21 -9.71 6.33
N LEU A 255 0.74 -8.63 5.76
CA LEU A 255 1.49 -7.97 4.68
C LEU A 255 2.67 -7.19 5.25
N CYS A 256 2.46 -6.49 6.35
CA CYS A 256 3.50 -5.66 6.93
C CYS A 256 4.41 -6.44 7.88
N VAL A 257 3.90 -6.73 9.07
CA VAL A 257 4.68 -7.39 10.11
C VAL A 257 5.28 -8.73 9.67
N ASP A 258 4.47 -9.57 9.04
CA ASP A 258 4.88 -10.94 8.74
C ASP A 258 5.65 -11.10 7.42
N HIS A 259 5.34 -10.27 6.43
CA HIS A 259 5.99 -10.42 5.13
C HIS A 259 7.13 -9.45 4.89
N ILE A 260 6.81 -8.16 4.81
CA ILE A 260 7.81 -7.17 4.40
C ILE A 260 8.72 -6.74 5.55
N ASP A 261 8.17 -6.63 6.76
CA ASP A 261 9.00 -6.28 7.91
C ASP A 261 9.96 -7.41 8.25
N TYR A 262 9.55 -8.63 7.96
CA TYR A 262 10.40 -9.80 8.15
C TYR A 262 11.55 -9.80 7.15
N ALA A 263 11.25 -9.40 5.91
CA ALA A 263 12.26 -9.37 4.86
C ALA A 263 13.21 -8.19 4.99
N LEU A 264 12.80 -7.18 5.76
CA LEU A 264 13.65 -6.02 6.00
C LEU A 264 14.71 -6.31 7.06
N GLU A 265 14.33 -7.08 8.08
CA GLU A 265 15.26 -7.46 9.14
C GLU A 265 16.22 -8.54 8.65
N ILE A 266 15.71 -9.47 7.84
CA ILE A 266 16.55 -10.51 7.25
C ILE A 266 17.58 -9.89 6.31
N GLY A 267 17.16 -8.87 5.56
CA GLY A 267 18.04 -8.19 4.63
C GLY A 267 18.98 -7.23 5.32
N LEU A 268 18.64 -6.86 6.56
CA LEU A 268 19.44 -5.92 7.33
C LEU A 268 20.66 -6.60 7.94
N SER A 269 20.60 -7.94 8.02
CA SER A 269 21.67 -8.71 8.62
C SER A 269 22.68 -9.20 7.60
N ALA A 270 22.39 -8.96 6.31
CA ALA A 270 23.31 -9.34 5.25
C ALA A 270 24.14 -8.14 4.80
N ILE A 271 24.54 -7.32 5.77
CA ILE A 271 25.40 -6.18 5.50
C ILE A 271 26.75 -6.39 6.20
N PRO A 272 27.84 -6.45 5.40
CA PRO A 272 29.19 -6.81 5.84
C PRO A 272 29.87 -5.82 6.78
N SER A 273 29.18 -4.74 7.17
CA SER A 273 29.68 -3.79 8.15
C SER A 273 31.01 -3.09 7.78
N ALA A 274 31.00 -2.34 6.67
CA ALA A 274 32.10 -1.46 6.29
C ALA A 274 33.47 -2.12 6.21
N ASP A 275 33.50 -3.40 5.82
CA ASP A 275 34.76 -4.13 5.70
C ASP A 275 35.13 -4.38 4.24
N ALA A 276 35.96 -5.41 4.01
CA ALA A 276 36.43 -5.75 2.66
C ALA A 276 35.59 -6.88 2.05
N LYS A 277 35.77 -7.07 0.75
CA LYS A 277 35.13 -8.16 -0.01
C LYS A 277 33.62 -8.19 0.22
N ASN A 278 32.92 -7.12 -0.15
CA ASN A 278 31.48 -7.04 0.06
C ASN A 278 30.67 -7.09 -1.24
N ALA A 279 29.95 -8.18 -1.42
CA ALA A 279 29.00 -8.31 -2.53
C ALA A 279 27.60 -7.99 -2.04
N ASN A 280 27.44 -6.79 -1.48
CA ASN A 280 26.20 -6.40 -0.82
C ASN A 280 25.30 -5.51 -1.67
N LEU A 281 25.18 -5.83 -2.96
CA LEU A 281 24.22 -5.17 -3.83
C LEU A 281 22.81 -5.56 -3.37
N TYR A 282 22.77 -6.61 -2.55
CA TYR A 282 21.55 -7.18 -1.98
C TYR A 282 20.53 -6.13 -1.51
N PHE A 283 20.90 -5.30 -0.55
CA PHE A 283 19.92 -4.46 0.13
C PHE A 283 19.33 -3.36 -0.76
N LEU A 284 20.08 -2.93 -1.77
CA LEU A 284 19.55 -1.92 -2.68
C LEU A 284 18.39 -2.48 -3.49
N ASP A 285 18.43 -3.78 -3.73
CA ASP A 285 17.33 -4.47 -4.40
C ASP A 285 16.13 -4.57 -3.49
N VAL A 286 16.38 -4.64 -2.19
CA VAL A 286 15.32 -4.73 -1.19
C VAL A 286 14.58 -3.39 -1.08
N VAL A 287 15.34 -2.30 -1.12
CA VAL A 287 14.77 -0.97 -1.07
C VAL A 287 13.84 -0.71 -2.26
N GLN A 288 14.28 -1.12 -3.44
CA GLN A 288 13.51 -0.91 -4.67
C GLN A 288 12.14 -1.57 -4.59
N GLN A 289 12.13 -2.86 -4.26
CA GLN A 289 10.88 -3.61 -4.19
C GLN A 289 9.96 -3.07 -3.11
N ALA A 290 10.51 -2.80 -1.93
CA ALA A 290 9.73 -2.29 -0.80
C ALA A 290 9.04 -0.97 -1.13
N ASN A 291 9.68 -0.14 -1.96
CA ASN A 291 9.10 1.13 -2.37
C ASN A 291 7.89 0.95 -3.28
N THR A 292 7.98 -0.02 -4.19
CA THR A 292 6.87 -0.32 -5.09
C THR A 292 5.73 -0.96 -4.31
N ILE A 293 6.09 -1.75 -3.30
CA ILE A 293 5.10 -2.39 -2.43
C ILE A 293 4.34 -1.33 -1.65
N PHE A 294 5.07 -0.30 -1.21
CA PHE A 294 4.48 0.81 -0.47
C PHE A 294 3.50 1.59 -1.33
N HIS A 295 3.81 1.73 -2.61
CA HIS A 295 2.96 2.46 -3.53
C HIS A 295 1.67 1.69 -3.82
N LEU A 296 1.76 0.37 -3.83
CA LEU A 296 0.57 -0.46 -4.01
C LEU A 296 -0.23 -0.54 -2.73
N PHE A 297 0.45 -0.35 -1.60
CA PHE A 297 -0.19 -0.44 -0.29
C PHE A 297 -1.09 0.75 0.01
N ASP A 298 -0.54 1.95 -0.07
CA ASP A 298 -1.31 3.15 0.27
C ASP A 298 -2.28 3.54 -0.85
N LYS A 299 -2.11 2.95 -2.03
CA LYS A 299 -3.03 3.19 -3.13
C LYS A 299 -4.39 2.56 -2.83
N GLN A 300 -4.38 1.33 -2.31
CA GLN A 300 -5.62 0.66 -1.94
C GLN A 300 -6.14 1.25 -0.62
N PHE A 301 -5.25 1.87 0.13
CA PHE A 301 -5.62 2.51 1.40
C PHE A 301 -6.43 3.79 1.14
N ASN A 302 -5.95 4.61 0.21
CA ASN A 302 -6.61 5.87 -0.11
C ASN A 302 -7.90 5.68 -0.92
N ASP A 303 -7.87 4.75 -1.86
CA ASP A 303 -9.00 4.56 -2.77
C ASP A 303 -10.14 3.74 -2.16
N HIS A 304 -9.80 2.77 -1.31
CA HIS A 304 -10.79 1.81 -0.84
C HIS A 304 -11.09 1.89 0.66
N LEU A 305 -10.04 1.95 1.48
CA LEU A 305 -10.23 1.94 2.93
C LEU A 305 -10.70 3.31 3.45
N MET A 306 -10.23 4.37 2.82
CA MET A 306 -10.58 5.73 3.24
C MET A 306 -12.08 6.07 3.12
N PRO A 307 -12.74 5.66 2.01
CA PRO A 307 -14.18 5.95 1.95
C PRO A 307 -15.00 5.25 3.03
N LEU A 308 -14.46 4.21 3.64
CA LEU A 308 -15.18 3.44 4.64
C LEU A 308 -14.86 3.92 6.05
N ILE A 309 -13.76 4.66 6.19
CA ILE A 309 -13.28 5.08 7.51
C ILE A 309 -13.39 6.59 7.69
N SER A 310 -13.81 7.28 6.64
CA SER A 310 -13.89 8.73 6.64
C SER A 310 -14.81 9.23 7.77
N SER A 311 -15.89 8.50 8.01
CA SER A 311 -16.83 8.85 9.07
C SER A 311 -16.55 8.08 10.36
N SER A 312 -15.32 8.18 10.86
CA SER A 312 -14.94 7.46 12.07
C SER A 312 -14.83 8.40 13.26
N PRO A 313 -15.33 7.97 14.42
CA PRO A 313 -15.25 8.74 15.66
C PRO A 313 -13.81 9.08 16.03
N LYS A 314 -12.93 8.08 15.96
CA LYS A 314 -11.51 8.30 16.22
C LYS A 314 -10.70 7.99 14.97
N LEU A 315 -11.02 8.67 13.88
CA LEU A 315 -10.29 8.54 12.62
C LEU A 315 -8.85 9.00 12.79
N THR A 316 -8.65 9.92 13.72
CA THR A 316 -7.33 10.48 14.00
C THR A 316 -6.35 9.42 14.50
N GLU A 317 -6.87 8.40 15.19
CA GLU A 317 -6.03 7.32 15.68
C GLU A 317 -5.86 6.24 14.62
N CYS A 318 -6.78 6.21 13.66
CA CYS A 318 -6.71 5.26 12.55
C CYS A 318 -5.60 5.65 11.58
N LEU A 319 -5.49 6.95 11.33
CA LEU A 319 -4.44 7.48 10.46
C LEU A 319 -3.09 7.42 11.14
N HIS A 320 -3.10 7.45 12.46
CA HIS A 320 -1.87 7.43 13.24
C HIS A 320 -1.20 6.07 13.20
N LYS A 321 -1.99 5.00 13.24
CA LYS A 321 -1.44 3.65 13.20
C LYS A 321 -1.00 3.29 11.79
N LYS A 322 -1.73 3.79 10.80
CA LYS A 322 -1.34 3.62 9.40
C LYS A 322 0.01 4.30 9.17
N LYS A 323 0.16 5.50 9.69
CA LYS A 323 1.40 6.24 9.56
C LYS A 323 2.51 5.55 10.35
N GLU A 324 2.22 5.21 11.61
CA GLU A 324 3.18 4.53 12.48
C GLU A 324 3.78 3.31 11.80
N VAL A 325 2.91 2.43 11.31
CA VAL A 325 3.33 1.22 10.62
C VAL A 325 4.24 1.50 9.43
N ILE A 326 3.88 2.50 8.63
CA ILE A 326 4.65 2.81 7.42
C ILE A 326 5.92 3.61 7.74
N GLU A 327 6.05 4.07 8.97
CA GLU A 327 7.26 4.76 9.39
C GLU A 327 8.26 3.80 10.03
N GLN A 328 7.74 2.77 10.69
CA GLN A 328 8.58 1.74 11.32
C GLN A 328 9.51 1.11 10.29
N MET A 329 8.96 0.84 9.11
CA MET A 329 9.70 0.20 8.04
C MET A 329 10.41 1.24 7.18
N GLU A 330 9.96 2.49 7.28
CA GLU A 330 10.59 3.59 6.58
C GLU A 330 11.97 3.86 7.19
N VAL A 331 12.04 3.74 8.52
CA VAL A 331 13.28 3.91 9.26
C VAL A 331 14.27 2.80 8.96
N LYS A 332 13.78 1.57 8.93
CA LYS A 332 14.63 0.40 8.66
C LYS A 332 15.29 0.49 7.29
N LEU A 333 14.56 1.03 6.31
CA LEU A 333 15.11 1.24 4.97
C LEU A 333 16.19 2.33 5.00
N ASP A 334 16.05 3.28 5.93
CA ASP A 334 17.02 4.35 6.07
C ASP A 334 18.25 3.88 6.82
N THR A 335 18.08 2.86 7.66
CA THR A 335 19.21 2.26 8.37
C THR A 335 20.02 1.40 7.43
N GLY A 336 19.32 0.70 6.53
CA GLY A 336 19.96 -0.18 5.57
C GLY A 336 20.69 0.55 4.47
N ILE A 337 20.12 1.67 4.01
CA ILE A 337 20.77 2.48 2.98
C ILE A 337 22.01 3.15 3.56
N ASP A 338 22.00 3.38 4.87
CA ASP A 338 23.12 4.00 5.55
C ASP A 338 24.27 3.01 5.75
N ARG A 339 23.92 1.79 6.15
CA ARG A 339 24.92 0.74 6.36
C ARG A 339 25.56 0.29 5.05
N THR A 340 24.80 0.38 3.97
CA THR A 340 25.31 -0.01 2.65
C THR A 340 26.24 1.07 2.11
N LEU A 341 25.98 2.32 2.49
CA LEU A 341 26.77 3.44 2.00
C LEU A 341 28.14 3.53 2.66
N ASN A 342 28.21 3.35 3.97
CA ASN A 342 29.50 3.41 4.66
C ASN A 342 30.29 2.12 4.47
N CYS A 343 29.66 1.12 3.87
CA CYS A 343 30.37 -0.07 3.39
C CYS A 343 31.15 0.31 2.14
N MET A 344 30.55 1.19 1.33
CA MET A 344 31.20 1.69 0.13
C MET A 344 32.28 2.70 0.48
N ILE A 345 31.96 3.62 1.39
CA ILE A 345 32.93 4.60 1.85
C ILE A 345 34.09 3.89 2.54
N GLY A 346 33.79 2.80 3.23
CA GLY A 346 34.80 2.01 3.93
C GLY A 346 35.83 1.42 2.98
N GLN A 347 35.38 1.02 1.79
CA GLN A 347 36.27 0.43 0.80
C GLN A 347 37.06 1.49 0.05
N MET A 348 36.45 2.65 -0.20
CA MET A 348 37.15 3.74 -0.86
C MET A 348 38.21 4.30 0.07
N LYS A 349 37.96 4.20 1.38
CA LYS A 349 38.92 4.63 2.37
C LYS A 349 40.08 3.64 2.43
N TYR A 350 39.76 2.36 2.27
CA TYR A 350 40.77 1.30 2.28
C TYR A 350 41.72 1.43 1.10
N ILE A 351 41.18 1.78 -0.06
CA ILE A 351 41.99 2.00 -1.25
C ILE A 351 42.94 3.16 -1.03
N LEU A 352 42.43 4.24 -0.44
CA LEU A 352 43.21 5.45 -0.23
C LEU A 352 44.36 5.24 0.75
N THR A 353 44.11 4.56 1.86
CA THR A 353 45.15 4.40 2.88
C THR A 353 46.28 3.49 2.41
N THR A 354 45.96 2.47 1.62
CA THR A 354 46.96 1.49 1.23
C THR A 354 47.66 1.80 -0.09
N GLU A 355 47.12 2.77 -0.85
CA GLU A 355 47.67 3.06 -2.16
C GLU A 355 48.08 4.52 -2.36
N GLN A 356 47.95 5.32 -1.30
CA GLN A 356 48.36 6.72 -1.37
C GLN A 356 49.43 6.98 -0.32
N LYS A 357 50.67 7.11 -0.76
CA LYS A 357 51.79 7.34 0.16
C LYS A 357 52.22 8.80 0.14
N LYS A 358 53.00 9.18 1.16
CA LYS A 358 53.44 10.57 1.32
C LYS A 358 54.20 11.09 0.10
N THR A 359 54.95 10.20 -0.55
CA THR A 359 55.82 10.59 -1.66
C THR A 359 55.04 11.01 -2.91
N ASP A 360 53.73 10.88 -2.86
CA ASP A 360 52.88 11.28 -3.98
C ASP A 360 52.78 12.80 -4.08
N PHE A 361 52.48 13.45 -2.94
CA PHE A 361 52.33 14.90 -2.92
C PHE A 361 53.56 15.57 -2.32
N LYS A 362 54.43 14.75 -1.76
CA LYS A 362 55.74 15.22 -1.30
C LYS A 362 56.81 14.38 -1.99
N PRO A 363 57.05 14.65 -3.28
CA PRO A 363 57.94 13.82 -4.10
C PRO A 363 59.37 13.78 -3.56
N GLU A 364 59.96 12.59 -3.54
CA GLU A 364 61.32 12.38 -3.04
C GLU A 364 62.33 13.21 -3.82
N ASP A 365 62.17 13.24 -5.14
CA ASP A 365 63.04 14.04 -6.01
C ASP A 365 62.21 14.98 -6.88
N GLU A 366 62.29 16.26 -6.56
CA GLU A 366 61.56 17.31 -7.28
C GLU A 366 61.86 17.29 -8.79
N ASN A 367 63.07 16.86 -9.14
CA ASN A 367 63.56 16.91 -10.51
C ASN A 367 62.77 16.10 -11.52
N ASN A 368 62.64 14.79 -11.28
CA ASN A 368 62.03 13.90 -12.25
C ASN A 368 60.67 13.34 -11.83
N VAL A 369 59.64 14.17 -11.96
CA VAL A 369 58.28 13.76 -11.60
C VAL A 369 57.28 14.07 -12.72
N MET A 370 56.65 13.02 -13.24
CA MET A 370 55.59 13.18 -14.22
C MET A 370 54.26 13.35 -13.49
N ILE A 371 53.61 14.48 -13.69
CA ILE A 371 52.38 14.74 -12.95
C ILE A 371 51.14 14.20 -13.68
N GLN A 372 50.48 13.26 -13.01
CA GLN A 372 49.20 12.71 -13.42
C GLN A 372 48.40 12.48 -12.16
N TYR A 373 47.14 12.08 -12.28
CA TYR A 373 46.40 11.72 -11.08
C TYR A 373 46.95 10.39 -10.57
N THR A 374 47.11 10.30 -9.25
CA THR A 374 47.70 9.14 -8.60
C THR A 374 46.97 7.84 -8.93
N THR A 375 47.63 6.71 -8.73
CA THR A 375 47.00 5.41 -8.90
C THR A 375 45.93 5.21 -7.83
N ALA A 376 46.10 5.88 -6.70
CA ALA A 376 45.08 5.87 -5.65
C ALA A 376 43.80 6.52 -6.15
N CYS A 377 43.96 7.56 -6.96
CA CYS A 377 42.84 8.29 -7.54
C CYS A 377 42.08 7.43 -8.55
N SER A 378 42.81 6.81 -9.48
CA SER A 378 42.19 6.00 -10.51
C SER A 378 41.55 4.74 -9.94
N LYS A 379 42.16 4.19 -8.90
CA LYS A 379 41.63 3.00 -8.24
C LYS A 379 40.31 3.31 -7.57
N VAL A 380 40.18 4.53 -7.06
CA VAL A 380 38.95 4.98 -6.42
C VAL A 380 37.87 5.30 -7.45
N CYS A 381 38.23 6.12 -8.44
CA CYS A 381 37.30 6.53 -9.49
C CYS A 381 36.73 5.32 -10.23
N ALA A 382 37.58 4.33 -10.48
CA ALA A 382 37.14 3.09 -11.12
C ALA A 382 36.15 2.35 -10.23
N TYR A 383 36.41 2.40 -8.92
CA TYR A 383 35.54 1.74 -7.95
C TYR A 383 34.22 2.48 -7.81
N VAL A 384 34.28 3.80 -7.73
CA VAL A 384 33.09 4.63 -7.60
C VAL A 384 32.13 4.42 -8.76
N GLY A 385 32.68 4.46 -9.98
CA GLY A 385 31.88 4.27 -11.18
C GLY A 385 31.24 2.90 -11.25
N LYS A 386 31.93 1.89 -10.73
CA LYS A 386 31.43 0.52 -10.74
C LYS A 386 30.25 0.36 -9.79
N GLN A 387 30.22 1.18 -8.75
CA GLN A 387 29.15 1.13 -7.75
C GLN A 387 27.97 1.99 -8.18
N VAL A 388 28.25 3.15 -8.75
CA VAL A 388 27.21 4.05 -9.27
C VAL A 388 26.35 3.31 -10.29
N GLU A 389 27.01 2.57 -11.18
CA GLU A 389 26.32 1.76 -12.17
C GLU A 389 25.38 0.76 -11.51
N ARG A 390 25.85 0.09 -10.46
CA ARG A 390 25.06 -0.89 -9.74
C ARG A 390 23.85 -0.26 -9.06
N VAL A 391 23.96 1.02 -8.71
CA VAL A 391 22.88 1.72 -8.05
C VAL A 391 21.77 2.07 -9.05
N ARG A 392 22.16 2.57 -10.22
CA ARG A 392 21.21 2.94 -11.25
C ARG A 392 20.46 1.72 -11.77
N ARG A 393 21.14 0.58 -11.78
CA ARG A 393 20.58 -0.65 -12.32
C ARG A 393 19.73 -1.38 -11.30
N SER A 394 19.71 -0.88 -10.07
CA SER A 394 19.00 -1.56 -8.99
C SER A 394 17.86 -0.73 -8.39
N MET A 395 17.70 0.49 -8.87
CA MET A 395 16.63 1.36 -8.37
C MET A 395 15.89 2.12 -9.47
N ASP A 396 14.67 2.54 -9.16
CA ASP A 396 13.88 3.38 -10.05
C ASP A 396 14.34 4.84 -9.95
N GLY A 397 13.94 5.64 -10.92
CA GLY A 397 14.44 7.00 -11.06
C GLY A 397 14.21 7.97 -9.92
N LYS A 398 13.18 7.73 -9.12
CA LYS A 398 12.81 8.68 -8.06
C LYS A 398 13.70 8.59 -6.82
N ASN A 399 13.92 7.38 -6.34
CA ASN A 399 14.67 7.17 -5.11
C ASN A 399 16.17 6.94 -5.35
N VAL A 400 16.57 6.89 -6.62
CA VAL A 400 17.97 6.64 -6.95
C VAL A 400 18.81 7.92 -6.82
N ASP A 401 18.18 9.07 -7.08
CA ASP A 401 18.89 10.34 -7.03
C ASP A 401 19.12 10.79 -5.59
N THR A 402 18.31 10.29 -4.67
CA THR A 402 18.45 10.61 -3.25
C THR A 402 19.59 9.81 -2.64
N VAL A 403 19.83 8.62 -3.19
CA VAL A 403 20.90 7.76 -2.72
C VAL A 403 22.24 8.22 -3.28
N LEU A 404 22.29 8.50 -4.58
CA LEU A 404 23.48 9.03 -5.22
C LEU A 404 23.93 10.33 -4.57
N THR A 405 22.96 11.16 -4.21
CA THR A 405 23.23 12.44 -3.56
C THR A 405 23.96 12.22 -2.25
N GLU A 406 23.51 11.24 -1.48
CA GLU A 406 24.13 10.92 -0.20
C GLU A 406 25.53 10.35 -0.41
N LEU A 407 25.65 9.43 -1.37
CA LEU A 407 26.94 8.86 -1.72
C LEU A 407 27.89 9.93 -2.20
N GLY A 408 27.40 10.83 -3.04
CA GLY A 408 28.21 11.91 -3.58
C GLY A 408 28.68 12.89 -2.53
N VAL A 409 27.85 13.12 -1.52
CA VAL A 409 28.20 14.01 -0.42
C VAL A 409 29.26 13.36 0.47
N ARG A 410 29.06 12.07 0.77
CA ARG A 410 30.04 11.31 1.53
C ARG A 410 31.33 11.12 0.74
N PHE A 411 31.19 10.98 -0.58
CA PHE A 411 32.33 10.85 -1.47
C PHE A 411 33.18 12.11 -1.45
N HIS A 412 32.52 13.26 -1.48
CA HIS A 412 33.20 14.55 -1.42
C HIS A 412 33.81 14.77 -0.03
N ARG A 413 33.13 14.26 1.00
CA ARG A 413 33.61 14.41 2.36
C ARG A 413 34.90 13.62 2.58
N LEU A 414 34.94 12.41 2.04
CA LEU A 414 36.10 11.53 2.19
C LEU A 414 37.35 12.13 1.56
N ILE A 415 37.22 12.58 0.32
CA ILE A 415 38.35 13.17 -0.39
C ILE A 415 38.81 14.47 0.25
N HIS A 416 37.84 15.25 0.72
CA HIS A 416 38.12 16.53 1.37
C HIS A 416 39.02 16.34 2.59
N GLU A 417 38.68 15.37 3.43
CA GLU A 417 39.44 15.10 4.63
C GLU A 417 40.71 14.30 4.32
N HIS A 418 40.69 13.56 3.22
CA HIS A 418 41.85 12.80 2.78
C HIS A 418 42.98 13.73 2.37
N LEU A 419 42.65 14.77 1.62
CA LEU A 419 43.63 15.72 1.11
C LEU A 419 44.30 16.53 2.22
N GLN A 420 43.65 16.57 3.38
CA GLN A 420 44.13 17.43 4.47
C GLN A 420 45.12 16.72 5.39
N GLN A 421 45.44 15.48 5.09
CA GLN A 421 46.39 14.75 5.93
C GLN A 421 47.72 14.53 5.19
N PHE A 422 48.05 15.45 4.29
CA PHE A 422 49.30 15.40 3.56
C PHE A 422 49.96 16.77 3.46
N SER A 423 51.28 16.78 3.32
CA SER A 423 52.01 18.01 3.01
C SER A 423 52.25 18.09 1.51
N TYR A 424 52.29 19.31 0.98
CA TYR A 424 52.40 19.49 -0.46
C TYR A 424 53.56 20.39 -0.84
N SER A 425 54.42 19.89 -1.71
CA SER A 425 55.48 20.70 -2.29
C SER A 425 54.93 21.43 -3.50
N SER A 426 55.77 22.22 -4.16
CA SER A 426 55.37 22.91 -5.38
C SER A 426 54.90 21.89 -6.41
N MET A 427 55.66 20.81 -6.57
CA MET A 427 55.34 19.76 -7.52
C MET A 427 54.12 18.94 -7.11
N GLY A 428 54.04 18.63 -5.81
CA GLY A 428 52.94 17.84 -5.29
C GLY A 428 51.60 18.52 -5.44
N GLY A 429 51.63 19.84 -5.64
CA GLY A 429 50.42 20.63 -5.82
C GLY A 429 49.62 20.22 -7.04
N MET A 430 50.28 20.14 -8.20
CA MET A 430 49.60 19.79 -9.45
C MET A 430 48.96 18.41 -9.38
N LEU A 431 49.64 17.49 -8.72
CA LEU A 431 49.15 16.13 -8.58
C LEU A 431 47.84 16.10 -7.80
N ALA A 432 47.71 17.02 -6.85
CA ALA A 432 46.48 17.15 -6.08
C ALA A 432 45.33 17.63 -6.97
N ILE A 433 45.60 18.59 -7.84
CA ILE A 433 44.57 19.10 -8.72
C ILE A 433 44.17 18.04 -9.74
N CYS A 434 45.17 17.35 -10.27
CA CYS A 434 44.93 16.27 -11.22
C CYS A 434 44.01 15.21 -10.61
N ASP A 435 44.23 14.91 -9.35
CA ASP A 435 43.36 13.98 -8.61
C ASP A 435 41.94 14.50 -8.55
N VAL A 436 41.76 15.72 -8.06
CA VAL A 436 40.44 16.30 -7.90
C VAL A 436 39.73 16.45 -9.25
N ALA A 437 40.46 16.87 -10.28
CA ALA A 437 39.90 17.01 -11.61
C ALA A 437 39.34 15.68 -12.11
N GLU A 438 40.04 14.58 -11.80
CA GLU A 438 39.56 13.25 -12.17
C GLU A 438 38.41 12.84 -11.26
N TYR A 439 38.54 13.18 -9.98
CA TYR A 439 37.49 12.94 -9.00
C TYR A 439 36.21 13.67 -9.41
N ARG A 440 36.37 14.84 -10.01
CA ARG A 440 35.25 15.65 -10.44
C ARG A 440 34.52 14.99 -11.62
N ARG A 441 35.29 14.40 -12.54
CA ARG A 441 34.70 13.69 -13.67
C ARG A 441 33.96 12.45 -13.20
N SER A 442 34.47 11.83 -12.14
CA SER A 442 33.80 10.69 -11.54
C SER A 442 32.49 11.14 -10.91
N ALA A 443 32.49 12.33 -10.32
CA ALA A 443 31.31 12.88 -9.68
C ALA A 443 30.31 13.38 -10.71
N LYS A 444 30.80 13.73 -11.90
CA LYS A 444 29.94 14.20 -12.97
C LYS A 444 29.08 13.04 -13.49
N ASP A 445 29.56 11.82 -13.27
CA ASP A 445 28.85 10.62 -13.71
C ASP A 445 27.69 10.31 -12.78
N PHE A 446 27.62 11.00 -11.65
CA PHE A 446 26.51 10.86 -10.73
C PHE A 446 25.25 11.50 -11.31
N ARG A 447 25.47 12.47 -12.20
CA ARG A 447 24.39 13.27 -12.79
C ARG A 447 23.60 14.03 -11.73
N VAL A 448 24.23 14.24 -10.57
CA VAL A 448 23.62 15.02 -9.50
C VAL A 448 24.38 16.33 -9.32
N PRO A 449 23.71 17.46 -9.58
CA PRO A 449 24.32 18.80 -9.56
C PRO A 449 25.05 19.12 -8.26
N LEU A 450 24.50 18.67 -7.14
CA LEU A 450 25.11 18.93 -5.83
C LEU A 450 26.51 18.36 -5.76
N VAL A 451 26.66 17.10 -6.14
CA VAL A 451 27.95 16.42 -6.10
C VAL A 451 28.98 17.10 -6.98
N LEU A 452 28.55 17.47 -8.19
CA LEU A 452 29.41 18.16 -9.15
C LEU A 452 29.86 19.50 -8.58
N GLN A 453 28.93 20.22 -7.95
CA GLN A 453 29.21 21.56 -7.43
C GLN A 453 30.08 21.51 -6.17
N LEU A 454 29.98 20.41 -5.42
CA LEU A 454 30.81 20.23 -4.23
C LEU A 454 32.28 20.03 -4.60
N PHE A 455 32.53 19.29 -5.68
CA PHE A 455 33.89 19.05 -6.14
C PHE A 455 34.42 20.26 -6.90
N ASP A 456 33.51 21.11 -7.37
CA ASP A 456 33.89 22.35 -8.04
C ASP A 456 34.57 23.31 -7.08
N THR A 457 34.14 23.30 -5.83
CA THR A 457 34.72 24.14 -4.80
C THR A 457 36.03 23.54 -4.29
N LEU A 458 36.08 22.21 -4.26
CA LEU A 458 37.29 21.50 -3.85
C LEU A 458 38.38 21.67 -4.91
N HIS A 459 37.94 21.75 -6.16
CA HIS A 459 38.84 21.96 -7.28
C HIS A 459 39.49 23.34 -7.19
N ALA A 460 38.69 24.35 -6.86
CA ALA A 460 39.18 25.71 -6.70
C ALA A 460 40.06 25.83 -5.47
N LEU A 461 39.80 24.98 -4.48
CA LEU A 461 40.52 25.02 -3.22
C LEU A 461 41.94 24.50 -3.38
N CYS A 462 42.11 23.53 -4.27
CA CYS A 462 43.43 22.96 -4.54
C CYS A 462 44.32 23.94 -5.29
N ASN A 463 43.70 24.97 -5.87
CA ASN A 463 44.44 25.99 -6.60
C ASN A 463 45.35 26.80 -5.69
N LEU A 464 45.13 26.68 -4.39
CA LEU A 464 45.87 27.46 -3.39
C LEU A 464 47.27 26.93 -3.13
N LEU A 465 47.40 25.61 -3.10
CA LEU A 465 48.68 24.99 -2.78
C LEU A 465 49.55 24.78 -4.02
N VAL A 466 49.35 25.62 -5.03
CA VAL A 466 50.08 25.51 -6.29
C VAL A 466 50.66 26.85 -6.72
N VAL A 467 49.96 27.93 -6.38
CA VAL A 467 50.34 29.27 -6.82
C VAL A 467 51.47 29.83 -5.95
N ALA A 468 52.23 30.78 -6.51
CA ALA A 468 53.34 31.40 -5.80
C ALA A 468 52.84 32.27 -4.64
N PRO A 469 53.59 32.30 -3.53
CA PRO A 469 53.24 33.02 -2.29
C PRO A 469 52.84 34.48 -2.48
N ASP A 470 53.39 35.15 -3.48
CA ASP A 470 53.10 36.56 -3.71
C ASP A 470 51.70 36.75 -4.31
N ASN A 471 51.23 35.74 -5.03
CA ASN A 471 49.91 35.78 -5.63
C ASN A 471 48.89 34.98 -4.82
N LEU A 472 49.25 34.67 -3.58
CA LEU A 472 48.42 33.82 -2.72
C LEU A 472 47.15 34.54 -2.28
N LYS A 473 47.30 35.75 -1.73
CA LYS A 473 46.14 36.52 -1.29
C LYS A 473 45.35 37.08 -2.47
N GLN A 474 45.96 37.07 -3.65
CA GLN A 474 45.29 37.45 -4.88
C GLN A 474 44.27 36.37 -5.25
N VAL A 475 44.72 35.13 -5.32
CA VAL A 475 43.88 34.00 -5.67
C VAL A 475 42.71 33.84 -4.69
N CYS A 476 42.95 34.17 -3.42
CA CYS A 476 41.91 34.10 -2.39
C CYS A 476 40.77 35.07 -2.67
N SER A 477 41.06 36.13 -3.40
CA SER A 477 40.06 37.14 -3.74
C SER A 477 39.29 36.77 -5.00
N GLY A 478 39.59 35.59 -5.55
CA GLY A 478 38.92 35.11 -6.75
C GLY A 478 37.46 34.78 -6.52
N GLU A 479 36.68 34.72 -7.59
CA GLU A 479 35.24 34.48 -7.49
C GLU A 479 34.90 33.13 -6.86
N GLN A 480 35.72 32.12 -7.16
CA GLN A 480 35.43 30.77 -6.70
C GLN A 480 35.80 30.55 -5.23
N LEU A 481 36.54 31.50 -4.65
CA LEU A 481 37.02 31.33 -3.28
C LEU A 481 36.52 32.39 -2.31
N THR A 482 36.14 33.55 -2.84
CA THR A 482 35.76 34.69 -1.99
C THR A 482 34.54 34.40 -1.13
N ASN A 483 33.57 33.67 -1.68
CA ASN A 483 32.34 33.37 -0.97
C ASN A 483 32.49 32.15 -0.04
N LEU A 484 33.73 31.77 0.23
CA LEU A 484 34.00 30.68 1.16
C LEU A 484 34.59 31.22 2.45
N ASP A 485 34.43 30.47 3.54
CA ASP A 485 34.93 30.91 4.84
C ASP A 485 36.46 30.96 4.85
N ARG A 486 37.00 32.00 5.46
CA ARG A 486 38.45 32.22 5.51
C ARG A 486 39.18 31.07 6.21
N ASN A 487 38.49 30.44 7.16
CA ASN A 487 39.07 29.30 7.87
C ASN A 487 39.30 28.11 6.95
N LEU A 488 38.40 27.95 5.98
CA LEU A 488 38.51 26.86 5.02
C LEU A 488 39.68 27.11 4.07
N LEU A 489 39.86 28.36 3.67
CA LEU A 489 41.00 28.73 2.83
C LEU A 489 42.31 28.55 3.59
N HIS A 490 42.25 28.74 4.90
CA HIS A 490 43.43 28.65 5.74
C HIS A 490 43.87 27.20 5.94
N ALA A 491 42.90 26.30 6.06
CA ALA A 491 43.18 24.88 6.29
C ALA A 491 43.97 24.26 5.14
N PHE A 492 43.74 24.76 3.92
CA PHE A 492 44.43 24.25 2.75
C PHE A 492 45.81 24.86 2.58
N VAL A 493 45.96 26.12 2.98
CA VAL A 493 47.25 26.80 2.90
C VAL A 493 48.23 26.16 3.88
N GLN A 494 47.73 25.74 5.03
CA GLN A 494 48.54 25.05 6.03
C GLN A 494 49.16 23.76 5.49
N LEU A 495 48.53 23.18 4.48
CA LEU A 495 49.00 21.92 3.90
C LEU A 495 50.23 22.12 3.03
N ARG A 496 50.47 23.37 2.63
CA ARG A 496 51.66 23.70 1.85
C ARG A 496 52.91 23.47 2.66
N VAL A 497 53.98 23.05 1.99
CA VAL A 497 55.25 22.75 2.66
C VAL A 497 55.98 24.04 3.03
N ASP A 498 55.60 25.14 2.40
CA ASP A 498 56.22 26.44 2.67
C ASP A 498 55.25 27.38 3.37
N TYR A 499 54.40 26.81 4.22
CA TYR A 499 53.47 27.59 5.03
C TYR A 499 54.23 28.33 6.14
N ARG A 500 55.30 27.70 6.61
CA ARG A 500 56.15 28.26 7.65
C ARG A 500 57.27 29.10 7.03
N SER A 501 57.77 28.65 5.89
CA SER A 501 58.88 29.31 5.20
C SER A 501 58.48 30.69 4.66
N ALA A 502 57.18 30.94 4.56
CA ALA A 502 56.69 32.23 4.11
C ALA A 502 55.77 32.84 5.16
N ARG A 503 55.50 34.14 5.02
CA ARG A 503 54.63 34.83 5.96
C ARG A 503 53.16 34.59 5.61
N LEU A 504 52.75 33.32 5.66
CA LEU A 504 51.38 32.95 5.30
C LEU A 504 50.51 32.83 6.55
N GLY A 505 51.01 33.37 7.66
CA GLY A 505 50.25 33.39 8.89
C GLY A 505 49.25 34.54 8.92
N ARG A 506 49.18 35.28 7.82
CA ARG A 506 48.23 36.38 7.69
C ARG A 506 46.85 35.88 7.30
N HIS A 507 46.47 34.74 7.85
CA HIS A 507 45.15 34.17 7.63
C HIS A 507 44.31 34.28 8.89
N PHE A 508 44.77 35.12 9.81
CA PHE A 508 43.97 35.45 10.98
C PHE A 508 43.09 36.66 10.66
N SER A 509 42.92 36.92 9.37
CA SER A 509 42.02 37.96 8.88
C SER A 509 41.03 37.36 7.90
#